data_1ZHX
#
_entry.id   1ZHX
#
_cell.length_a   82.600
_cell.length_b   95.170
_cell.length_c   65.570
_cell.angle_alpha   90.00
_cell.angle_beta   96.81
_cell.angle_gamma   90.00
#
_symmetry.space_group_name_H-M   'C 1 2 1'
#
loop_
_entity.id
_entity.type
_entity.pdbx_description
1 polymer 'KES1 protein'
2 non-polymer 25-HYDROXYCHOLESTEROL
3 water water
#
_entity_poly.entity_id   1
_entity_poly.type   'polypeptide(L)'
_entity_poly.pdbx_seq_one_letter_code
;GAMDPSQYASSSSWTSFLKSIASFNGDLSSLSAPPFILSPISLTEFSQYWAEHPELFLEPSFINDDNYKEHCLIDPEVES
PELARMLAVTKWFISTLKSQYCSRNESLGSEKKPLNPFLGELFVGKWENKEHPEFGETVLLSEQVSHHPPVTAFSIFNDK
NKVKLQGYNQIKASFTKSLMLTVKQFGHTMLDIKDESYLVTPPPLHIEGILVASPFVELEGKSYIQSSTGLLCVIEFSGR
GYFSGKKNSFKARIYKDSKDSKDKEKALYTISGQWSGSSKIIKANKKEESRLFYDAARIPAEHLNVKPLEEQHPLESRKA
WYDVAGAIKLGDFNLIAKTKTELEETQRELRKEEEAKGISWQRRWFKDFDYSVTPEEGALVPEKDDTFLKLASALNLSTK
NAPSGTLVGDKEDRKEDLSSIHWRFQRELWDEEKEIVL
;
_entity_poly.pdbx_strand_id   A
#
loop_
_chem_comp.id
_chem_comp.type
_chem_comp.name
_chem_comp.formula
HC3 non-polymer 25-HYDROXYCHOLESTEROL 'C27 H46 O2'
#
# COMPACT_ATOMS: atom_id res chain seq x y z
N MET A 3 -15.27 -25.40 -10.83
CA MET A 3 -14.67 -26.65 -10.27
C MET A 3 -14.23 -26.46 -8.83
N ASP A 4 -13.85 -27.57 -8.19
CA ASP A 4 -13.38 -27.53 -6.81
C ASP A 4 -11.93 -27.06 -6.87
N PRO A 5 -11.46 -26.32 -5.85
CA PRO A 5 -10.07 -25.86 -5.88
C PRO A 5 -9.04 -26.98 -6.09
N SER A 6 -9.38 -28.19 -5.65
CA SER A 6 -8.48 -29.33 -5.81
C SER A 6 -8.28 -29.69 -7.28
N GLN A 7 -9.14 -29.15 -8.14
CA GLN A 7 -9.09 -29.41 -9.58
C GLN A 7 -8.39 -28.31 -10.38
N TYR A 8 -8.16 -27.15 -9.77
CA TYR A 8 -7.53 -26.03 -10.45
C TYR A 8 -6.19 -26.31 -11.12
N ALA A 9 -5.23 -26.80 -10.35
CA ALA A 9 -3.88 -27.04 -10.84
C ALA A 9 -3.75 -27.87 -12.09
N SER A 10 -4.55 -28.93 -12.20
CA SER A 10 -4.47 -29.82 -13.36
C SER A 10 -5.44 -29.45 -14.47
N SER A 11 -6.25 -28.43 -14.25
CA SER A 11 -7.24 -28.00 -15.23
C SER A 11 -6.63 -27.51 -16.54
N SER A 12 -7.39 -27.64 -17.62
CA SER A 12 -6.94 -27.19 -18.92
C SER A 12 -6.67 -25.69 -18.86
N SER A 13 -7.56 -24.97 -18.20
CA SER A 13 -7.41 -23.52 -18.08
C SER A 13 -6.11 -23.12 -17.40
N TRP A 14 -5.80 -23.78 -16.29
CA TRP A 14 -4.58 -23.41 -15.58
C TRP A 14 -3.33 -23.81 -16.38
N THR A 15 -3.38 -24.96 -17.04
CA THR A 15 -2.25 -25.42 -17.82
C THR A 15 -1.97 -24.42 -18.93
N SER A 16 -3.03 -23.93 -19.57
CA SER A 16 -2.88 -22.94 -20.63
C SER A 16 -2.30 -21.67 -20.06
N PHE A 17 -2.78 -21.27 -18.88
CA PHE A 17 -2.26 -20.07 -18.23
C PHE A 17 -0.77 -20.17 -17.96
N LEU A 18 -0.34 -21.30 -17.38
CA LEU A 18 1.08 -21.48 -17.06
C LEU A 18 1.97 -21.44 -18.30
N LYS A 19 1.47 -21.99 -19.41
CA LYS A 19 2.25 -22.00 -20.64
C LYS A 19 2.44 -20.60 -21.21
N SER A 20 1.49 -19.71 -20.93
CA SER A 20 1.56 -18.34 -21.42
C SER A 20 2.56 -17.50 -20.63
N ILE A 21 3.05 -18.03 -19.52
CA ILE A 21 4.01 -17.31 -18.70
C ILE A 21 5.39 -17.28 -19.35
N ALA A 22 5.74 -18.36 -20.02
CA ALA A 22 7.04 -18.45 -20.70
C ALA A 22 7.20 -17.30 -21.69
N SER A 23 6.07 -16.75 -22.13
CA SER A 23 6.08 -15.65 -23.09
C SER A 23 5.64 -14.33 -22.47
N PHE A 24 5.69 -14.25 -21.15
CA PHE A 24 5.29 -13.03 -20.44
C PHE A 24 6.01 -11.81 -21.02
N ASN A 25 5.24 -10.77 -21.34
CA ASN A 25 5.80 -9.55 -21.91
C ASN A 25 6.02 -8.42 -20.91
N GLY A 26 5.71 -8.67 -19.64
CA GLY A 26 5.88 -7.63 -18.63
C GLY A 26 4.57 -7.04 -18.15
N ASP A 27 3.52 -7.21 -18.94
CA ASP A 27 2.20 -6.70 -18.58
C ASP A 27 1.35 -7.86 -18.07
N LEU A 28 1.10 -7.87 -16.76
CA LEU A 28 0.32 -8.95 -16.16
C LEU A 28 -1.08 -9.10 -16.74
N SER A 29 -1.62 -8.04 -17.32
CA SER A 29 -2.96 -8.09 -17.90
C SER A 29 -3.01 -8.83 -19.24
N SER A 30 -1.85 -9.23 -19.74
CA SER A 30 -1.78 -9.96 -21.01
C SER A 30 -1.97 -11.46 -20.82
N LEU A 31 -1.85 -11.91 -19.57
CA LEU A 31 -1.99 -13.33 -19.25
C LEU A 31 -3.45 -13.79 -19.25
N SER A 32 -3.65 -15.04 -19.64
CA SER A 32 -4.99 -15.62 -19.69
C SER A 32 -5.38 -16.19 -18.33
N ALA A 33 -5.93 -15.33 -17.47
CA ALA A 33 -6.34 -15.76 -16.14
C ALA A 33 -7.74 -16.37 -16.16
N PRO A 34 -7.86 -17.65 -15.76
CA PRO A 34 -9.15 -18.34 -15.73
C PRO A 34 -10.09 -17.69 -14.73
N PRO A 35 -11.41 -17.81 -14.97
CA PRO A 35 -12.40 -17.21 -14.07
C PRO A 35 -12.20 -17.56 -12.59
N PHE A 36 -11.78 -18.79 -12.30
CA PHE A 36 -11.61 -19.16 -10.91
C PHE A 36 -10.51 -18.43 -10.17
N ILE A 37 -9.63 -17.75 -10.89
CA ILE A 37 -8.54 -17.02 -10.25
C ILE A 37 -8.78 -15.51 -10.27
N LEU A 38 -9.97 -15.09 -10.69
CA LEU A 38 -10.29 -13.67 -10.75
C LEU A 38 -10.96 -13.14 -9.49
N SER A 39 -10.60 -11.92 -9.11
CA SER A 39 -11.19 -11.25 -7.96
C SER A 39 -12.09 -10.14 -8.49
N PRO A 40 -13.22 -9.89 -7.82
CA PRO A 40 -14.14 -8.83 -8.25
C PRO A 40 -13.78 -7.48 -7.62
N ILE A 41 -12.61 -7.41 -7.00
CA ILE A 41 -12.16 -6.19 -6.32
C ILE A 41 -11.08 -5.48 -7.12
N SER A 42 -11.29 -4.18 -7.36
CA SER A 42 -10.32 -3.39 -8.11
C SER A 42 -9.18 -2.93 -7.21
N LEU A 43 -8.00 -2.72 -7.82
CA LEU A 43 -6.84 -2.27 -7.07
C LEU A 43 -7.01 -0.89 -6.45
N THR A 44 -7.97 -0.10 -6.94
CA THR A 44 -8.16 1.23 -6.35
C THR A 44 -8.68 1.07 -4.93
N GLU A 45 -9.28 -0.09 -4.64
CA GLU A 45 -9.79 -0.35 -3.30
C GLU A 45 -8.70 -0.68 -2.29
N PHE A 46 -7.54 -1.12 -2.78
CA PHE A 46 -6.46 -1.51 -1.87
C PHE A 46 -5.94 -0.40 -0.97
N SER A 47 -6.21 0.85 -1.34
CA SER A 47 -5.76 1.98 -0.54
C SER A 47 -6.38 1.93 0.87
N GLN A 48 -7.56 1.30 0.97
CA GLN A 48 -8.22 1.22 2.27
C GLN A 48 -7.44 0.42 3.31
N TYR A 49 -6.54 -0.43 2.84
CA TYR A 49 -5.75 -1.28 3.73
C TYR A 49 -4.76 -0.53 4.60
N TRP A 50 -4.61 0.77 4.36
CA TRP A 50 -3.70 1.56 5.19
C TRP A 50 -4.30 2.01 6.52
N ALA A 51 -5.61 1.82 6.73
CA ALA A 51 -6.20 2.28 7.98
C ALA A 51 -7.38 1.48 8.54
N GLU A 52 -7.34 0.16 8.39
CA GLU A 52 -8.42 -0.68 8.89
C GLU A 52 -8.42 -0.92 10.39
N HIS A 53 -7.52 -0.24 11.10
CA HIS A 53 -7.47 -0.29 12.55
C HIS A 53 -7.43 1.18 12.95
N PRO A 54 -8.61 1.82 12.95
CA PRO A 54 -8.78 3.23 13.28
C PRO A 54 -8.06 3.73 14.52
N GLU A 55 -8.11 2.93 15.59
CA GLU A 55 -7.49 3.30 16.84
C GLU A 55 -5.96 3.35 16.73
N LEU A 56 -5.38 2.48 15.91
CA LEU A 56 -3.92 2.49 15.75
C LEU A 56 -3.47 3.63 14.82
N PHE A 57 -4.30 3.94 13.83
CA PHE A 57 -4.00 5.02 12.89
C PHE A 57 -3.95 6.36 13.63
N LEU A 58 -4.88 6.55 14.55
CA LEU A 58 -4.98 7.81 15.29
C LEU A 58 -4.19 7.91 16.59
N GLU A 59 -3.83 6.77 17.19
CA GLU A 59 -3.12 6.76 18.48
C GLU A 59 -1.98 7.76 18.64
N PRO A 60 -1.09 7.90 17.63
CA PRO A 60 0.02 8.85 17.76
C PRO A 60 -0.39 10.29 18.06
N SER A 61 -1.56 10.69 17.57
CA SER A 61 -2.05 12.06 17.78
C SER A 61 -2.49 12.34 19.21
N PHE A 62 -2.67 11.29 20.01
CA PHE A 62 -3.09 11.46 21.41
C PHE A 62 -1.93 11.44 22.39
N ILE A 63 -0.72 11.24 21.87
CA ILE A 63 0.49 11.18 22.69
C ILE A 63 1.18 12.55 22.72
N ASN A 64 1.35 13.11 23.93
CA ASN A 64 1.99 14.41 24.09
C ASN A 64 2.98 14.44 25.26
N ASP A 65 3.61 15.58 25.48
CA ASP A 65 4.61 15.73 26.55
C ASP A 65 4.08 15.46 27.95
N ASP A 66 2.77 15.59 28.14
CA ASP A 66 2.18 15.40 29.46
C ASP A 66 1.52 14.05 29.71
N ASN A 67 1.54 13.15 28.73
CA ASN A 67 0.90 11.85 28.94
C ASN A 67 1.58 10.68 28.23
N TYR A 68 2.68 10.93 27.54
CA TYR A 68 3.32 9.87 26.76
C TYR A 68 3.63 8.55 27.46
N LYS A 69 4.03 8.59 28.73
CA LYS A 69 4.35 7.36 29.45
C LYS A 69 3.11 6.49 29.71
N GLU A 70 1.93 7.09 29.55
CA GLU A 70 0.67 6.39 29.74
C GLU A 70 0.16 5.87 28.40
N HIS A 71 0.92 6.17 27.34
CA HIS A 71 0.56 5.74 25.98
C HIS A 71 1.66 4.91 25.35
N CYS A 72 2.20 3.98 26.12
CA CYS A 72 3.24 3.09 25.63
C CYS A 72 3.15 1.80 26.42
N LEU A 73 2.20 0.95 26.02
CA LEU A 73 1.95 -0.30 26.70
C LEU A 73 3.16 -1.20 26.91
N ILE A 74 4.02 -1.31 25.90
CA ILE A 74 5.18 -2.18 26.05
C ILE A 74 6.34 -1.57 26.81
N ASP A 75 6.24 -0.28 27.16
CA ASP A 75 7.30 0.37 27.90
C ASP A 75 6.86 1.67 28.58
N PRO A 76 6.30 1.56 29.80
CA PRO A 76 5.83 2.72 30.56
C PRO A 76 7.00 3.62 30.95
N GLU A 77 8.21 3.16 30.64
CA GLU A 77 9.42 3.93 30.95
C GLU A 77 10.08 4.44 29.67
N VAL A 78 9.30 4.52 28.59
CA VAL A 78 9.79 5.00 27.32
C VAL A 78 10.47 6.36 27.53
N GLU A 79 11.60 6.56 26.85
CA GLU A 79 12.43 7.75 26.99
C GLU A 79 11.86 9.11 26.59
N SER A 80 10.97 9.13 25.59
CA SER A 80 10.44 10.41 25.12
C SER A 80 9.12 10.25 24.39
N PRO A 81 8.37 11.34 24.22
CA PRO A 81 7.09 11.24 23.51
C PRO A 81 7.36 10.96 22.03
N GLU A 82 8.51 11.41 21.52
CA GLU A 82 8.85 11.17 20.13
C GLU A 82 9.00 9.67 19.91
N LEU A 83 9.64 8.99 20.86
CA LEU A 83 9.85 7.54 20.76
C LEU A 83 8.53 6.79 20.98
N ALA A 84 7.69 7.30 21.88
CA ALA A 84 6.40 6.65 22.13
C ALA A 84 5.58 6.71 20.83
N ARG A 85 5.66 7.83 20.14
CA ARG A 85 4.93 7.98 18.89
C ARG A 85 5.53 7.12 17.78
N MET A 86 6.85 6.93 17.78
CA MET A 86 7.45 6.08 16.75
C MET A 86 7.01 4.64 16.99
N LEU A 87 6.91 4.24 18.25
CA LEU A 87 6.47 2.89 18.56
C LEU A 87 5.02 2.70 18.12
N ALA A 88 4.21 3.75 18.28
CA ALA A 88 2.81 3.69 17.88
C ALA A 88 2.67 3.64 16.36
N VAL A 89 3.49 4.44 15.66
CA VAL A 89 3.44 4.45 14.20
C VAL A 89 3.90 3.08 13.68
N THR A 90 4.90 2.50 14.34
CA THR A 90 5.38 1.18 13.93
C THR A 90 4.30 0.12 14.13
N LYS A 91 3.59 0.19 15.26
CA LYS A 91 2.52 -0.78 15.51
C LYS A 91 1.44 -0.61 14.45
N TRP A 92 1.10 0.63 14.14
CA TRP A 92 0.11 0.88 13.11
C TRP A 92 0.58 0.28 11.77
N PHE A 93 1.82 0.55 11.39
CA PHE A 93 2.32 0.03 10.12
C PHE A 93 2.23 -1.49 10.06
N ILE A 94 2.70 -2.16 11.12
CA ILE A 94 2.64 -3.61 11.15
C ILE A 94 1.18 -4.07 11.03
N SER A 95 0.26 -3.35 11.67
CA SER A 95 -1.16 -3.74 11.62
C SER A 95 -1.76 -3.65 10.22
N THR A 96 -1.16 -2.86 9.34
CA THR A 96 -1.70 -2.76 7.98
C THR A 96 -1.34 -3.95 7.10
N LEU A 97 -0.26 -4.64 7.45
CA LEU A 97 0.21 -5.74 6.63
C LEU A 97 -0.76 -6.90 6.39
N LYS A 98 -1.47 -7.33 7.42
CA LYS A 98 -2.42 -8.42 7.22
C LYS A 98 -3.52 -7.97 6.25
N SER A 99 -3.95 -6.72 6.37
CA SER A 99 -5.00 -6.20 5.47
C SER A 99 -4.49 -6.15 4.04
N GLN A 100 -3.32 -5.54 3.87
CA GLN A 100 -2.72 -5.39 2.55
C GLN A 100 -2.47 -6.70 1.83
N TYR A 101 -1.90 -7.65 2.54
CA TYR A 101 -1.46 -8.89 1.92
C TYR A 101 -2.18 -10.21 2.17
N CYS A 102 -3.15 -10.22 3.08
CA CYS A 102 -3.88 -11.46 3.38
C CYS A 102 -5.39 -11.39 3.18
N SER A 103 -5.92 -10.20 2.94
CA SER A 103 -7.37 -10.06 2.81
C SER A 103 -8.05 -10.96 1.78
N ARG A 104 -7.45 -11.15 0.61
CA ARG A 104 -8.08 -12.00 -0.40
C ARG A 104 -7.99 -13.47 -0.02
N ASN A 105 -6.92 -13.89 0.64
CA ASN A 105 -6.83 -15.29 1.02
C ASN A 105 -8.01 -15.63 1.92
N GLU A 106 -8.38 -14.68 2.76
CA GLU A 106 -9.48 -14.89 3.69
C GLU A 106 -10.86 -14.79 3.04
N SER A 107 -11.07 -13.77 2.21
CA SER A 107 -12.36 -13.57 1.58
C SER A 107 -12.61 -14.33 0.28
N LEU A 108 -11.53 -14.69 -0.42
CA LEU A 108 -11.68 -15.39 -1.70
C LEU A 108 -11.14 -16.80 -1.71
N GLY A 109 -10.29 -17.15 -0.74
CA GLY A 109 -9.73 -18.49 -0.69
C GLY A 109 -8.26 -18.55 -1.07
N SER A 110 -7.77 -17.50 -1.71
CA SER A 110 -6.36 -17.41 -2.09
C SER A 110 -6.17 -16.03 -2.68
N GLU A 111 -4.92 -15.69 -2.98
CA GLU A 111 -4.70 -14.41 -3.62
C GLU A 111 -5.25 -14.65 -5.02
N LYS A 112 -5.84 -13.62 -5.62
CA LYS A 112 -6.40 -13.74 -6.95
C LYS A 112 -6.05 -12.51 -7.76
N LYS A 113 -6.38 -12.54 -9.05
CA LYS A 113 -6.09 -11.41 -9.92
C LYS A 113 -7.09 -10.29 -9.69
N PRO A 114 -6.61 -9.13 -9.21
CA PRO A 114 -7.53 -8.01 -8.97
C PRO A 114 -7.91 -7.35 -10.29
N LEU A 115 -8.98 -6.56 -10.27
CA LEU A 115 -9.37 -5.87 -11.48
C LEU A 115 -8.36 -4.77 -11.72
N ASN A 116 -7.93 -4.64 -12.97
CA ASN A 116 -6.97 -3.60 -13.38
C ASN A 116 -7.80 -2.33 -13.53
N PRO A 117 -7.60 -1.35 -12.64
CA PRO A 117 -8.38 -0.11 -12.70
C PRO A 117 -8.31 0.69 -14.01
N PHE A 118 -9.40 1.37 -14.33
CA PHE A 118 -9.40 2.21 -15.52
C PHE A 118 -8.91 3.58 -15.09
N LEU A 119 -8.34 4.32 -16.02
CA LEU A 119 -7.84 5.66 -15.76
C LEU A 119 -8.96 6.56 -15.27
N GLY A 120 -8.75 7.18 -14.11
CA GLY A 120 -9.76 8.07 -13.56
C GLY A 120 -10.65 7.42 -12.51
N GLU A 121 -10.55 6.11 -12.38
CA GLU A 121 -11.37 5.38 -11.41
C GLU A 121 -11.17 5.94 -10.00
N LEU A 122 -12.26 6.04 -9.25
CA LEU A 122 -12.23 6.56 -7.90
C LEU A 122 -12.80 5.57 -6.91
N PHE A 123 -12.31 5.63 -5.67
CA PHE A 123 -12.86 4.80 -4.61
C PHE A 123 -12.80 5.67 -3.37
N VAL A 124 -13.97 5.95 -2.79
CA VAL A 124 -14.03 6.79 -1.61
C VAL A 124 -14.94 6.20 -0.54
N GLY A 125 -14.68 6.58 0.69
CA GLY A 125 -15.47 6.09 1.81
C GLY A 125 -14.98 6.75 3.07
N LYS A 126 -15.47 6.27 4.21
CA LYS A 126 -15.06 6.85 5.49
C LYS A 126 -15.23 5.90 6.64
N TRP A 127 -14.42 6.07 7.67
CA TRP A 127 -14.54 5.29 8.89
C TRP A 127 -15.21 6.31 9.80
N GLU A 128 -16.48 6.07 10.13
CA GLU A 128 -17.22 7.00 10.97
C GLU A 128 -16.79 7.00 12.43
N ASN A 129 -16.21 5.89 12.89
CA ASN A 129 -15.74 5.76 14.27
C ASN A 129 -16.83 6.17 15.26
N LYS A 130 -18.05 5.69 15.03
CA LYS A 130 -19.18 6.02 15.88
C LYS A 130 -18.99 5.67 17.35
N GLU A 131 -18.30 4.59 17.64
CA GLU A 131 -18.07 4.15 19.02
C GLU A 131 -17.03 5.00 19.74
N HIS A 132 -16.36 5.89 19.01
CA HIS A 132 -15.33 6.74 19.60
C HIS A 132 -15.45 8.18 19.11
N PRO A 133 -16.29 8.99 19.76
CA PRO A 133 -16.49 10.38 19.37
C PRO A 133 -15.21 11.22 19.35
N GLU A 134 -14.23 10.85 20.18
CA GLU A 134 -12.97 11.59 20.21
C GLU A 134 -12.16 11.36 18.93
N PHE A 135 -12.48 10.28 18.22
CA PHE A 135 -11.77 9.95 16.98
C PHE A 135 -12.15 10.87 15.82
N GLY A 136 -13.45 11.00 15.57
CA GLY A 136 -13.89 11.82 14.46
C GLY A 136 -13.89 10.95 13.21
N GLU A 137 -14.42 11.50 12.13
CA GLU A 137 -14.52 10.80 10.86
C GLU A 137 -13.18 10.74 10.14
N THR A 138 -12.85 9.57 9.58
CA THR A 138 -11.60 9.42 8.83
C THR A 138 -11.99 9.11 7.39
N VAL A 139 -11.54 9.96 6.49
CA VAL A 139 -11.85 9.88 5.07
C VAL A 139 -10.80 9.19 4.20
N LEU A 140 -11.28 8.39 3.24
CA LEU A 140 -10.41 7.73 2.27
C LEU A 140 -10.75 8.22 0.87
N LEU A 141 -9.73 8.67 0.15
CA LEU A 141 -9.87 9.10 -1.24
C LEU A 141 -8.81 8.30 -2.00
N SER A 142 -9.23 7.58 -3.02
CA SER A 142 -8.31 6.79 -3.82
C SER A 142 -8.65 7.04 -5.29
N GLU A 143 -7.62 7.31 -6.09
CA GLU A 143 -7.82 7.59 -7.51
C GLU A 143 -6.77 6.92 -8.39
N GLN A 144 -7.22 6.36 -9.51
CA GLN A 144 -6.30 5.72 -10.45
C GLN A 144 -5.75 6.85 -11.31
N VAL A 145 -4.51 7.26 -11.00
CA VAL A 145 -3.90 8.35 -11.74
C VAL A 145 -3.19 7.94 -13.02
N SER A 146 -3.09 6.63 -13.25
CA SER A 146 -2.46 6.13 -14.46
C SER A 146 -2.94 4.70 -14.72
N HIS A 147 -3.09 4.36 -15.99
CA HIS A 147 -3.52 3.02 -16.42
C HIS A 147 -2.35 2.34 -17.12
N HIS A 148 -1.55 3.13 -17.82
CA HIS A 148 -0.39 2.63 -18.55
C HIS A 148 0.86 3.37 -18.07
N PRO A 149 1.50 2.87 -17.00
CA PRO A 149 1.17 1.67 -16.23
C PRO A 149 0.17 1.98 -15.12
N PRO A 150 -0.31 0.95 -14.43
CA PRO A 150 -1.28 1.17 -13.35
C PRO A 150 -0.63 1.90 -12.17
N VAL A 151 -1.25 3.01 -11.76
CA VAL A 151 -0.76 3.77 -10.62
C VAL A 151 -1.95 4.25 -9.82
N THR A 152 -1.95 3.97 -8.52
CA THR A 152 -3.03 4.38 -7.64
C THR A 152 -2.49 5.36 -6.61
N ALA A 153 -3.18 6.49 -6.47
CA ALA A 153 -2.80 7.52 -5.50
C ALA A 153 -3.90 7.57 -4.44
N PHE A 154 -3.53 7.92 -3.21
CA PHE A 154 -4.53 7.93 -2.15
C PHE A 154 -4.20 8.88 -1.00
N SER A 155 -5.23 9.20 -0.25
CA SER A 155 -5.08 10.01 0.94
C SER A 155 -6.13 9.56 1.94
N ILE A 156 -5.73 9.45 3.20
CA ILE A 156 -6.62 9.07 4.28
C ILE A 156 -6.39 10.14 5.34
N PHE A 157 -7.45 10.86 5.71
CA PHE A 157 -7.26 11.93 6.66
C PHE A 157 -8.35 12.07 7.71
N ASN A 158 -7.92 12.48 8.90
CA ASN A 158 -8.79 12.70 10.04
C ASN A 158 -8.55 14.17 10.45
N ASP A 159 -9.48 15.04 10.06
CA ASP A 159 -9.37 16.46 10.35
C ASP A 159 -9.42 16.79 11.84
N LYS A 160 -10.26 16.09 12.58
CA LYS A 160 -10.40 16.33 14.02
C LYS A 160 -9.10 16.23 14.79
N ASN A 161 -8.32 15.19 14.52
CA ASN A 161 -7.07 14.98 15.23
C ASN A 161 -5.81 15.33 14.43
N LYS A 162 -6.01 15.90 13.26
CA LYS A 162 -4.92 16.33 12.38
C LYS A 162 -3.97 15.19 12.02
N VAL A 163 -4.54 14.05 11.65
CA VAL A 163 -3.75 12.91 11.23
C VAL A 163 -4.06 12.73 9.76
N LYS A 164 -3.05 12.89 8.91
CA LYS A 164 -3.27 12.74 7.48
C LYS A 164 -2.19 11.89 6.83
N LEU A 165 -2.63 11.08 5.87
CA LEU A 165 -1.75 10.18 5.14
C LEU A 165 -1.98 10.35 3.65
N GLN A 166 -0.90 10.30 2.87
CA GLN A 166 -1.03 10.38 1.42
C GLN A 166 0.07 9.55 0.81
N GLY A 167 -0.20 8.99 -0.36
CA GLY A 167 0.82 8.19 -1.02
C GLY A 167 0.34 7.70 -2.36
N TYR A 168 1.20 6.93 -3.01
CA TYR A 168 0.82 6.36 -4.29
C TYR A 168 1.57 5.04 -4.45
N ASN A 169 1.08 4.20 -5.35
CA ASN A 169 1.67 2.90 -5.55
C ASN A 169 1.61 2.42 -6.99
N GLN A 170 2.64 1.68 -7.37
CA GLN A 170 2.73 1.04 -8.68
C GLN A 170 3.72 -0.09 -8.53
N ILE A 171 3.69 -1.04 -9.46
CA ILE A 171 4.58 -2.19 -9.37
C ILE A 171 5.21 -2.54 -10.70
N LYS A 172 6.22 -3.39 -10.60
CA LYS A 172 6.90 -3.96 -11.76
C LYS A 172 6.99 -5.43 -11.37
N ALA A 173 6.51 -6.31 -12.24
CA ALA A 173 6.52 -7.73 -11.95
C ALA A 173 7.21 -8.57 -13.02
N SER A 174 7.72 -9.71 -12.60
CA SER A 174 8.39 -10.63 -13.51
C SER A 174 8.32 -12.04 -12.94
N PHE A 175 8.36 -13.03 -13.80
CA PHE A 175 8.32 -14.41 -13.36
C PHE A 175 9.70 -15.05 -13.44
N THR A 176 10.03 -15.86 -12.46
CA THR A 176 11.30 -16.57 -12.47
C THR A 176 11.03 -17.86 -13.25
N LYS A 177 12.06 -18.63 -13.53
CA LYS A 177 11.87 -19.87 -14.27
C LYS A 177 11.05 -20.86 -13.46
N SER A 178 11.10 -20.73 -12.14
CA SER A 178 10.37 -21.60 -11.24
C SER A 178 8.93 -21.14 -11.06
N LEU A 179 8.54 -20.12 -11.83
CA LEU A 179 7.19 -19.57 -11.80
C LEU A 179 6.87 -18.72 -10.57
N MET A 180 7.90 -18.18 -9.93
CA MET A 180 7.69 -17.31 -8.78
C MET A 180 7.41 -15.94 -9.40
N LEU A 181 6.37 -15.26 -8.92
CA LEU A 181 6.08 -13.94 -9.45
C LEU A 181 6.76 -12.94 -8.52
N THR A 182 7.79 -12.30 -9.04
CA THR A 182 8.56 -11.31 -8.30
C THR A 182 7.91 -9.95 -8.50
N VAL A 183 7.64 -9.26 -7.39
CA VAL A 183 7.01 -7.95 -7.46
C VAL A 183 7.82 -6.88 -6.75
N LYS A 184 8.10 -5.79 -7.46
CA LYS A 184 8.81 -4.66 -6.88
C LYS A 184 7.79 -3.54 -6.78
N GLN A 185 7.62 -3.01 -5.57
CA GLN A 185 6.70 -1.90 -5.39
C GLN A 185 7.47 -0.62 -5.61
N PHE A 186 6.76 0.40 -6.08
CA PHE A 186 7.30 1.72 -6.32
C PHE A 186 6.34 2.68 -5.63
N GLY A 187 6.88 3.80 -5.18
CA GLY A 187 6.07 4.79 -4.48
C GLY A 187 6.43 4.82 -3.01
N HIS A 188 5.73 5.67 -2.28
CA HIS A 188 5.95 5.82 -0.85
C HIS A 188 4.71 6.47 -0.27
N THR A 189 4.64 6.48 1.06
CA THR A 189 3.50 7.05 1.76
C THR A 189 3.98 7.94 2.89
N MET A 190 3.32 9.08 3.06
CA MET A 190 3.69 10.00 4.13
C MET A 190 2.55 10.17 5.13
N LEU A 191 2.91 10.05 6.40
CA LEU A 191 1.94 10.18 7.49
C LEU A 191 2.28 11.40 8.34
N ASP A 192 1.32 12.30 8.47
CA ASP A 192 1.52 13.49 9.29
C ASP A 192 0.68 13.38 10.56
N ILE A 193 1.34 13.52 11.70
CA ILE A 193 0.66 13.47 13.00
C ILE A 193 0.88 14.88 13.54
N LYS A 194 -0.11 15.74 13.32
CA LYS A 194 0.00 17.14 13.72
C LYS A 194 1.16 17.72 12.93
N ASP A 195 2.23 18.17 13.61
CA ASP A 195 3.36 18.74 12.89
C ASP A 195 4.53 17.77 12.71
N GLU A 196 4.35 16.55 13.16
CA GLU A 196 5.38 15.52 13.07
C GLU A 196 5.10 14.66 11.83
N SER A 197 6.14 14.29 11.09
CA SER A 197 5.94 13.51 9.88
C SER A 197 6.68 12.20 9.85
N TYR A 198 6.15 11.27 9.07
CA TYR A 198 6.72 9.95 8.90
C TYR A 198 6.69 9.54 7.43
N LEU A 199 7.80 9.02 6.94
CA LEU A 199 7.89 8.57 5.55
C LEU A 199 7.97 7.05 5.59
N VAL A 200 7.04 6.40 4.90
CA VAL A 200 6.96 4.93 4.87
C VAL A 200 7.18 4.39 3.45
N THR A 201 8.02 3.37 3.33
CA THR A 201 8.27 2.76 2.03
C THR A 201 7.81 1.30 2.05
N PRO A 202 6.95 0.92 1.09
CA PRO A 202 6.44 -0.45 1.02
C PRO A 202 7.54 -1.43 0.63
N PRO A 203 7.42 -2.70 1.04
CA PRO A 203 8.44 -3.68 0.72
C PRO A 203 8.22 -4.46 -0.57
N PRO A 204 9.28 -5.10 -1.07
CA PRO A 204 9.12 -5.89 -2.29
C PRO A 204 8.44 -7.18 -1.84
N LEU A 205 7.91 -7.96 -2.77
CA LEU A 205 7.25 -9.19 -2.39
C LEU A 205 7.25 -10.18 -3.53
N HIS A 206 6.84 -11.40 -3.25
CA HIS A 206 6.75 -12.39 -4.30
C HIS A 206 5.48 -13.20 -4.09
N ILE A 207 4.96 -13.73 -5.19
CA ILE A 207 3.75 -14.53 -5.12
C ILE A 207 4.13 -15.99 -5.28
N GLU A 208 3.86 -16.78 -4.25
CA GLU A 208 4.14 -18.21 -4.27
C GLU A 208 2.86 -18.95 -4.62
N GLY A 209 2.98 -20.26 -4.82
CA GLY A 209 1.83 -21.09 -5.13
C GLY A 209 1.20 -20.99 -6.51
N ILE A 210 1.92 -20.42 -7.47
CA ILE A 210 1.37 -20.30 -8.82
C ILE A 210 1.22 -21.65 -9.50
N LEU A 211 2.23 -22.50 -9.41
CA LEU A 211 2.18 -23.83 -10.03
C LEU A 211 0.97 -24.62 -9.54
N VAL A 212 0.69 -24.56 -8.25
CA VAL A 212 -0.43 -25.30 -7.66
C VAL A 212 -1.77 -24.58 -7.68
N ALA A 213 -1.82 -23.42 -8.33
CA ALA A 213 -3.05 -22.64 -8.45
C ALA A 213 -3.64 -22.16 -7.13
N SER A 214 -2.78 -21.83 -6.17
CA SER A 214 -3.23 -21.35 -4.87
C SER A 214 -2.22 -20.27 -4.49
N PRO A 215 -2.28 -19.12 -5.18
CA PRO A 215 -1.37 -18.00 -4.94
C PRO A 215 -1.46 -17.38 -3.55
N PHE A 216 -0.33 -16.89 -3.07
CA PHE A 216 -0.32 -16.20 -1.78
C PHE A 216 0.92 -15.32 -1.73
N VAL A 217 0.79 -14.20 -1.03
CA VAL A 217 1.86 -13.24 -0.91
C VAL A 217 2.81 -13.48 0.25
N GLU A 218 4.09 -13.28 -0.02
CA GLU A 218 5.10 -13.35 1.04
C GLU A 218 5.94 -12.10 0.83
N LEU A 219 6.28 -11.42 1.92
CA LEU A 219 7.07 -10.22 1.82
C LEU A 219 8.56 -10.55 1.93
N GLU A 220 9.38 -9.67 1.37
CA GLU A 220 10.82 -9.83 1.42
C GLU A 220 11.44 -8.42 1.52
N GLY A 221 12.76 -8.34 1.55
CA GLY A 221 13.39 -7.04 1.61
C GLY A 221 13.14 -6.24 2.88
N LYS A 222 13.08 -4.92 2.72
CA LYS A 222 12.89 -4.04 3.86
C LYS A 222 11.93 -2.89 3.59
N SER A 223 11.40 -2.35 4.68
CA SER A 223 10.53 -1.18 4.66
C SER A 223 11.16 -0.22 5.65
N TYR A 224 10.97 1.07 5.41
CA TYR A 224 11.52 2.06 6.33
C TYR A 224 10.41 2.99 6.80
N ILE A 225 10.57 3.50 8.01
CA ILE A 225 9.66 4.48 8.59
C ILE A 225 10.60 5.56 9.12
N GLN A 226 10.76 6.64 8.37
CA GLN A 226 11.64 7.74 8.77
C GLN A 226 10.81 8.90 9.31
N SER A 227 11.09 9.30 10.55
CA SER A 227 10.36 10.41 11.15
C SER A 227 11.12 11.73 11.11
N SER A 228 10.36 12.82 11.19
CA SER A 228 10.93 14.17 11.18
C SER A 228 11.70 14.40 12.48
N THR A 229 11.49 13.51 13.46
CA THR A 229 12.14 13.58 14.76
C THR A 229 13.55 12.98 14.65
N GLY A 230 13.85 12.41 13.49
CA GLY A 230 15.15 11.78 13.29
C GLY A 230 15.08 10.29 13.49
N LEU A 231 14.15 9.82 14.31
CA LEU A 231 14.00 8.40 14.59
C LEU A 231 13.70 7.63 13.31
N LEU A 232 14.23 6.41 13.23
CA LEU A 232 14.05 5.56 12.07
C LEU A 232 13.77 4.12 12.43
N CYS A 233 12.77 3.54 11.78
CA CYS A 233 12.46 2.13 12.02
C CYS A 233 12.81 1.38 10.74
N VAL A 234 13.57 0.30 10.87
CA VAL A 234 13.95 -0.52 9.73
C VAL A 234 13.31 -1.88 9.93
N ILE A 235 12.43 -2.25 9.00
CA ILE A 235 11.71 -3.51 9.08
C ILE A 235 12.17 -4.48 7.99
N GLU A 236 12.64 -5.65 8.39
CA GLU A 236 13.11 -6.68 7.46
C GLU A 236 12.11 -7.83 7.41
N PHE A 237 11.75 -8.25 6.21
CA PHE A 237 10.78 -9.34 6.03
C PHE A 237 11.37 -10.63 5.53
N SER A 238 10.81 -11.75 5.98
CA SER A 238 11.25 -13.09 5.56
C SER A 238 10.11 -14.08 5.76
N GLY A 239 10.27 -15.30 5.24
CA GLY A 239 9.22 -16.29 5.39
C GLY A 239 9.70 -17.73 5.35
N ARG A 240 8.88 -18.64 5.89
CA ARG A 240 9.20 -20.05 5.93
C ARG A 240 10.37 -20.34 6.85
N GLY A 241 11.57 -20.33 6.27
CA GLY A 241 12.76 -20.59 7.04
C GLY A 241 13.92 -19.75 6.57
N TYR A 242 15.06 -19.90 7.25
CA TYR A 242 16.30 -19.17 6.97
C TYR A 242 16.50 -18.04 7.96
N PHE A 243 15.45 -17.25 8.20
CA PHE A 243 15.57 -16.16 9.16
C PHE A 243 14.48 -16.24 10.22
N SER A 244 13.63 -17.26 10.10
CA SER A 244 12.54 -17.46 11.06
C SER A 244 11.94 -18.85 10.88
N GLY A 245 11.27 -19.33 11.93
CA GLY A 245 10.67 -20.64 11.87
C GLY A 245 9.28 -20.64 11.28
N LYS A 246 8.77 -19.47 10.91
CA LYS A 246 7.43 -19.38 10.34
C LYS A 246 7.27 -18.32 9.25
N LYS A 247 6.25 -18.50 8.43
CA LYS A 247 5.92 -17.59 7.34
C LYS A 247 5.49 -16.22 7.84
N ASN A 248 5.46 -15.25 6.93
CA ASN A 248 5.04 -13.88 7.26
C ASN A 248 5.78 -13.31 8.46
N SER A 249 7.09 -13.52 8.51
CA SER A 249 7.86 -13.03 9.64
C SER A 249 8.58 -11.72 9.36
N PHE A 250 8.98 -11.05 10.44
CA PHE A 250 9.70 -9.79 10.30
C PHE A 250 10.50 -9.49 11.54
N LYS A 251 11.41 -8.54 11.40
CA LYS A 251 12.20 -8.08 12.52
C LYS A 251 12.32 -6.59 12.26
N ALA A 252 11.90 -5.79 13.25
CA ALA A 252 11.96 -4.34 13.11
C ALA A 252 12.87 -3.77 14.19
N ARG A 253 13.69 -2.79 13.82
CA ARG A 253 14.58 -2.15 14.77
C ARG A 253 14.41 -0.64 14.70
N ILE A 254 14.30 -0.01 15.87
CA ILE A 254 14.15 1.44 15.91
C ILE A 254 15.45 2.05 16.37
N TYR A 255 15.91 3.05 15.62
CA TYR A 255 17.16 3.73 15.92
C TYR A 255 16.95 5.23 16.18
N LYS A 256 17.91 5.84 16.87
CA LYS A 256 17.83 7.27 17.16
C LYS A 256 17.90 8.07 15.87
N ASP A 257 18.61 7.53 14.89
CA ASP A 257 18.76 8.19 13.59
C ASP A 257 19.32 7.24 12.54
N SER A 258 19.28 7.66 11.29
CA SER A 258 19.76 6.85 10.17
C SER A 258 21.19 6.37 10.35
N LYS A 259 22.04 7.22 10.91
CA LYS A 259 23.45 6.86 11.13
C LYS A 259 23.55 5.62 12.01
N ASP A 260 22.77 5.60 13.08
CA ASP A 260 22.78 4.48 14.02
C ASP A 260 22.29 3.18 13.41
N SER A 261 21.42 3.27 12.39
CA SER A 261 20.87 2.08 11.75
C SER A 261 21.94 1.25 11.04
N LYS A 262 23.16 1.77 11.00
CA LYS A 262 24.27 1.07 10.37
C LYS A 262 24.87 0.05 11.35
N ASP A 263 24.45 0.16 12.61
CA ASP A 263 24.94 -0.73 13.67
C ASP A 263 23.74 -1.30 14.42
N LYS A 264 23.38 -2.55 14.13
CA LYS A 264 22.26 -3.19 14.79
C LYS A 264 22.33 -3.12 16.32
N GLU A 265 23.53 -3.06 16.87
CA GLU A 265 23.71 -3.00 18.31
C GLU A 265 23.17 -1.70 18.90
N LYS A 266 22.97 -0.70 18.05
CA LYS A 266 22.47 0.59 18.51
C LYS A 266 20.95 0.67 18.53
N ALA A 267 20.28 -0.43 18.17
CA ALA A 267 18.82 -0.44 18.16
C ALA A 267 18.24 -0.16 19.55
N LEU A 268 17.29 0.76 19.62
CA LEU A 268 16.65 1.10 20.90
C LEU A 268 15.66 0.01 21.28
N TYR A 269 15.00 -0.56 20.27
CA TYR A 269 14.05 -1.66 20.47
C TYR A 269 14.17 -2.60 19.28
N THR A 270 13.85 -3.86 19.51
CA THR A 270 13.86 -4.87 18.47
C THR A 270 12.56 -5.65 18.57
N ILE A 271 11.81 -5.65 17.47
CA ILE A 271 10.53 -6.33 17.40
C ILE A 271 10.64 -7.51 16.45
N SER A 272 10.14 -8.67 16.85
CA SER A 272 10.22 -9.84 16.00
C SER A 272 9.01 -10.75 16.13
N GLY A 273 8.61 -11.35 15.02
CA GLY A 273 7.47 -12.23 15.02
C GLY A 273 6.83 -12.28 13.64
N GLN A 274 5.54 -12.57 13.61
CA GLN A 274 4.80 -12.66 12.35
C GLN A 274 3.85 -11.49 12.26
N TRP A 275 3.86 -10.78 11.13
CA TRP A 275 2.97 -9.65 10.96
C TRP A 275 1.51 -10.09 10.76
N SER A 276 1.30 -11.37 10.46
CA SER A 276 -0.06 -11.89 10.30
C SER A 276 -0.45 -12.62 11.59
N GLY A 277 0.43 -12.55 12.58
CA GLY A 277 0.17 -13.19 13.85
C GLY A 277 0.69 -12.36 15.02
N SER A 278 1.50 -12.97 15.88
CA SER A 278 2.04 -12.28 17.03
C SER A 278 3.51 -11.92 16.90
N SER A 279 3.88 -10.82 17.54
CA SER A 279 5.27 -10.38 17.54
C SER A 279 5.59 -9.82 18.92
N LYS A 280 6.86 -9.95 19.31
CA LYS A 280 7.32 -9.48 20.62
C LYS A 280 8.31 -8.34 20.45
N ILE A 281 8.53 -7.60 21.53
CA ILE A 281 9.45 -6.49 21.51
C ILE A 281 10.42 -6.59 22.67
N ILE A 282 11.68 -6.25 22.40
CA ILE A 282 12.74 -6.27 23.40
C ILE A 282 13.34 -4.87 23.42
N LYS A 283 13.60 -4.35 24.61
CA LYS A 283 14.21 -3.02 24.73
C LYS A 283 15.71 -3.21 24.88
N ALA A 284 16.47 -2.44 24.11
CA ALA A 284 17.92 -2.52 24.15
C ALA A 284 18.34 -3.98 23.95
N ASN A 285 19.09 -4.52 24.91
CA ASN A 285 19.56 -5.90 24.82
C ASN A 285 18.97 -6.76 25.94
N LYS A 286 17.91 -6.26 26.58
CA LYS A 286 17.26 -7.00 27.66
C LYS A 286 16.34 -8.07 27.08
N LYS A 287 16.95 -9.02 26.38
CA LYS A 287 16.23 -10.12 25.75
C LYS A 287 15.36 -10.95 26.69
N GLU A 288 15.74 -10.99 27.97
CA GLU A 288 15.01 -11.75 28.96
C GLU A 288 13.71 -11.08 29.41
N GLU A 289 13.43 -9.89 28.87
CA GLU A 289 12.22 -9.17 29.25
C GLU A 289 11.34 -8.81 28.06
N SER A 290 11.17 -9.75 27.13
CA SER A 290 10.33 -9.49 25.96
C SER A 290 8.85 -9.37 26.35
N ARG A 291 8.11 -8.60 25.58
CA ARG A 291 6.69 -8.38 25.82
C ARG A 291 5.93 -8.45 24.49
N LEU A 292 4.65 -8.80 24.54
CA LEU A 292 3.83 -8.86 23.33
C LEU A 292 3.71 -7.47 22.74
N PHE A 293 3.98 -7.34 21.44
CA PHE A 293 3.90 -6.05 20.76
C PHE A 293 2.60 -5.90 19.98
N TYR A 294 2.27 -6.94 19.22
CA TYR A 294 1.05 -6.90 18.42
C TYR A 294 0.63 -8.33 18.07
N ASP A 295 -0.67 -8.58 18.14
CA ASP A 295 -1.23 -9.88 17.78
C ASP A 295 -2.37 -9.58 16.81
N ALA A 296 -2.10 -9.79 15.53
CA ALA A 296 -3.07 -9.52 14.48
C ALA A 296 -4.38 -10.29 14.62
N ALA A 297 -4.33 -11.42 15.30
CA ALA A 297 -5.52 -12.25 15.48
C ALA A 297 -6.53 -11.72 16.50
N ARG A 298 -6.07 -10.90 17.44
CA ARG A 298 -6.95 -10.37 18.48
C ARG A 298 -7.80 -9.17 18.11
N ILE A 299 -7.36 -8.42 17.12
CA ILE A 299 -8.08 -7.22 16.70
C ILE A 299 -8.61 -7.32 15.27
N PRO A 300 -9.91 -7.61 15.12
CA PRO A 300 -10.45 -7.70 13.76
C PRO A 300 -10.40 -6.38 13.02
N ALA A 301 -10.11 -6.45 11.72
CA ALA A 301 -10.05 -5.25 10.90
C ALA A 301 -11.44 -4.62 10.79
N GLU A 302 -11.48 -3.30 10.76
CA GLU A 302 -12.73 -2.55 10.61
C GLU A 302 -12.78 -1.99 9.21
N HIS A 303 -13.76 -2.42 8.43
CA HIS A 303 -13.89 -1.96 7.05
C HIS A 303 -14.58 -0.61 7.00
N LEU A 304 -14.16 0.23 6.05
CA LEU A 304 -14.75 1.56 5.95
C LEU A 304 -16.17 1.50 5.41
N ASN A 305 -16.91 2.57 5.63
CA ASN A 305 -18.28 2.68 5.15
C ASN A 305 -18.24 3.20 3.71
N VAL A 306 -18.94 2.51 2.82
CA VAL A 306 -19.01 2.91 1.42
C VAL A 306 -20.49 3.09 1.13
N LYS A 307 -20.86 4.17 0.45
CA LYS A 307 -22.27 4.39 0.18
C LYS A 307 -22.86 3.32 -0.72
N PRO A 308 -24.18 3.14 -0.67
CA PRO A 308 -24.79 2.11 -1.53
C PRO A 308 -24.56 2.39 -3.01
N LEU A 309 -24.48 1.32 -3.78
CA LEU A 309 -24.26 1.43 -5.22
C LEU A 309 -25.19 2.43 -5.87
N GLU A 310 -26.45 2.42 -5.43
CA GLU A 310 -27.47 3.31 -5.96
C GLU A 310 -27.05 4.78 -5.99
N GLU A 311 -26.31 5.24 -4.98
CA GLU A 311 -25.89 6.63 -4.94
C GLU A 311 -24.44 6.90 -5.33
N GLN A 312 -23.78 5.91 -5.93
CA GLN A 312 -22.40 6.10 -6.35
C GLN A 312 -22.29 6.75 -7.73
N HIS A 313 -21.25 7.57 -7.88
CA HIS A 313 -20.95 8.28 -9.13
C HIS A 313 -20.42 7.26 -10.14
N PRO A 314 -20.65 7.47 -11.44
CA PRO A 314 -20.15 6.51 -12.44
C PRO A 314 -18.65 6.21 -12.40
N LEU A 315 -17.86 7.11 -11.81
CA LEU A 315 -16.43 6.90 -11.72
C LEU A 315 -16.03 6.03 -10.52
N GLU A 316 -16.95 5.87 -9.58
CA GLU A 316 -16.65 5.06 -8.40
C GLU A 316 -16.51 3.58 -8.78
N SER A 317 -15.43 2.99 -8.27
CA SER A 317 -15.06 1.61 -8.56
C SER A 317 -16.13 0.54 -8.62
N ARG A 318 -16.87 0.36 -7.53
CA ARG A 318 -17.88 -0.68 -7.50
C ARG A 318 -19.02 -0.47 -8.47
N LYS A 319 -19.39 0.79 -8.69
CA LYS A 319 -20.45 1.13 -9.63
C LYS A 319 -19.99 0.80 -11.05
N ALA A 320 -18.79 1.27 -11.39
CA ALA A 320 -18.24 1.06 -12.73
C ALA A 320 -18.00 -0.41 -13.07
N TRP A 321 -17.48 -1.17 -12.11
CA TRP A 321 -17.19 -2.59 -12.33
C TRP A 321 -18.33 -3.54 -11.99
N TYR A 322 -19.49 -3.00 -11.66
CA TYR A 322 -20.63 -3.84 -11.26
C TYR A 322 -20.91 -5.05 -12.15
N ASP A 323 -21.04 -4.84 -13.45
CA ASP A 323 -21.33 -5.96 -14.34
C ASP A 323 -20.24 -7.01 -14.37
N VAL A 324 -18.98 -6.56 -14.37
CA VAL A 324 -17.85 -7.48 -14.39
C VAL A 324 -17.80 -8.27 -13.09
N ALA A 325 -18.01 -7.58 -11.97
CA ALA A 325 -17.98 -8.24 -10.66
C ALA A 325 -19.07 -9.30 -10.60
N GLY A 326 -20.23 -8.99 -11.15
CA GLY A 326 -21.33 -9.95 -11.15
C GLY A 326 -21.00 -11.18 -11.97
N ALA A 327 -20.36 -10.96 -13.12
CA ALA A 327 -19.99 -12.04 -14.01
C ALA A 327 -18.92 -12.94 -13.37
N ILE A 328 -17.99 -12.31 -12.66
CA ILE A 328 -16.93 -13.05 -11.99
C ILE A 328 -17.53 -13.92 -10.89
N LYS A 329 -18.51 -13.39 -10.16
CA LYS A 329 -19.13 -14.17 -9.10
C LYS A 329 -19.92 -15.34 -9.68
N LEU A 330 -20.46 -15.16 -10.87
CA LEU A 330 -21.24 -16.20 -11.52
C LEU A 330 -20.32 -17.24 -12.15
N GLY A 331 -19.08 -16.85 -12.43
CA GLY A 331 -18.13 -17.76 -13.04
C GLY A 331 -18.44 -18.00 -14.51
N ASP A 332 -19.11 -17.04 -15.14
CA ASP A 332 -19.50 -17.13 -16.54
C ASP A 332 -18.36 -16.65 -17.44
N PHE A 333 -17.62 -17.59 -18.03
CA PHE A 333 -16.50 -17.28 -18.89
C PHE A 333 -16.83 -16.23 -19.95
N ASN A 334 -17.85 -16.49 -20.76
CA ASN A 334 -18.22 -15.56 -21.81
C ASN A 334 -18.70 -14.20 -21.31
N LEU A 335 -19.47 -14.19 -20.22
CA LEU A 335 -19.98 -12.92 -19.70
C LEU A 335 -18.86 -12.08 -19.08
N ILE A 336 -17.87 -12.74 -18.48
CA ILE A 336 -16.75 -12.02 -17.90
C ILE A 336 -16.01 -11.33 -19.04
N ALA A 337 -15.77 -12.07 -20.12
CA ALA A 337 -15.07 -11.54 -21.28
C ALA A 337 -15.86 -10.37 -21.87
N LYS A 338 -17.16 -10.56 -22.02
CA LYS A 338 -18.03 -9.54 -22.58
C LYS A 338 -18.07 -8.24 -21.77
N THR A 339 -18.32 -8.36 -20.46
CA THR A 339 -18.41 -7.19 -19.61
C THR A 339 -17.08 -6.46 -19.44
N LYS A 340 -15.99 -7.22 -19.30
CA LYS A 340 -14.69 -6.60 -19.14
C LYS A 340 -14.28 -5.89 -20.43
N THR A 341 -14.51 -6.55 -21.56
CA THR A 341 -14.16 -5.95 -22.84
C THR A 341 -14.97 -4.69 -23.09
N GLU A 342 -16.25 -4.70 -22.71
CA GLU A 342 -17.10 -3.54 -22.90
C GLU A 342 -16.52 -2.34 -22.18
N LEU A 343 -16.12 -2.53 -20.93
CA LEU A 343 -15.58 -1.43 -20.16
C LEU A 343 -14.24 -0.98 -20.72
N GLU A 344 -13.35 -1.93 -20.96
CA GLU A 344 -12.02 -1.58 -21.46
C GLU A 344 -12.00 -1.05 -22.89
N GLU A 345 -12.95 -1.50 -23.71
CA GLU A 345 -13.02 -1.02 -25.08
C GLU A 345 -13.49 0.43 -25.06
N THR A 346 -14.44 0.73 -24.18
CA THR A 346 -14.96 2.09 -24.05
C THR A 346 -13.81 3.02 -23.65
N GLN A 347 -12.95 2.54 -22.76
CA GLN A 347 -11.81 3.34 -22.32
C GLN A 347 -10.83 3.55 -23.47
N ARG A 348 -10.59 2.50 -24.26
CA ARG A 348 -9.67 2.61 -25.38
C ARG A 348 -10.18 3.67 -26.34
N GLU A 349 -11.49 3.67 -26.57
CA GLU A 349 -12.11 4.65 -27.47
C GLU A 349 -11.91 6.06 -26.94
N LEU A 350 -12.03 6.23 -25.63
CA LEU A 350 -11.85 7.54 -25.01
C LEU A 350 -10.42 8.04 -25.22
N ARG A 351 -9.46 7.14 -25.04
CA ARG A 351 -8.04 7.48 -25.19
C ARG A 351 -7.72 7.89 -26.63
N LYS A 352 -8.36 7.22 -27.59
CA LYS A 352 -8.13 7.54 -29.00
C LYS A 352 -8.77 8.87 -29.37
N GLU A 353 -9.94 9.14 -28.78
CA GLU A 353 -10.65 10.39 -29.04
C GLU A 353 -9.84 11.56 -28.51
N GLU A 354 -9.41 11.46 -27.26
CA GLU A 354 -8.62 12.52 -26.64
C GLU A 354 -7.38 12.81 -27.48
N GLU A 355 -6.76 11.77 -28.00
CA GLU A 355 -5.56 11.90 -28.82
C GLU A 355 -5.85 12.63 -30.14
N ALA A 356 -6.99 12.31 -30.74
CA ALA A 356 -7.38 12.92 -32.01
C ALA A 356 -7.77 14.38 -31.84
N LYS A 357 -8.42 14.70 -30.72
CA LYS A 357 -8.86 16.07 -30.46
C LYS A 357 -7.80 16.89 -29.75
N GLY A 358 -6.68 16.26 -29.41
CA GLY A 358 -5.62 16.99 -28.72
C GLY A 358 -6.03 17.35 -27.30
N ILE A 359 -6.71 16.42 -26.64
CA ILE A 359 -7.18 16.60 -25.28
C ILE A 359 -6.45 15.62 -24.37
N SER A 360 -6.27 16.00 -23.11
CA SER A 360 -5.61 15.11 -22.16
C SER A 360 -6.52 14.83 -20.97
N TRP A 361 -6.27 13.72 -20.29
CA TRP A 361 -7.06 13.36 -19.12
C TRP A 361 -6.52 14.12 -17.91
N GLN A 362 -7.41 14.81 -17.20
CA GLN A 362 -7.03 15.58 -16.03
C GLN A 362 -7.31 14.81 -14.75
N ARG A 363 -6.27 14.60 -13.95
CA ARG A 363 -6.42 13.90 -12.69
C ARG A 363 -7.30 14.75 -11.76
N ARG A 364 -8.08 14.10 -10.91
CA ARG A 364 -9.01 14.79 -10.04
C ARG A 364 -8.50 15.42 -8.74
N TRP A 365 -7.90 14.61 -7.87
CA TRP A 365 -7.43 15.12 -6.58
C TRP A 365 -5.93 15.03 -6.34
N PHE A 366 -5.21 14.51 -7.33
CA PHE A 366 -3.77 14.36 -7.20
C PHE A 366 -3.08 14.93 -8.43
N LYS A 367 -1.86 15.43 -8.24
CA LYS A 367 -1.09 15.98 -9.34
C LYS A 367 0.34 15.46 -9.25
N ASP A 368 0.95 15.24 -10.41
CA ASP A 368 2.31 14.73 -10.45
C ASP A 368 3.32 15.86 -10.36
N PHE A 369 4.18 15.80 -9.36
CA PHE A 369 5.21 16.80 -9.16
C PHE A 369 6.54 16.29 -9.66
N ASP A 370 7.12 17.03 -10.60
CA ASP A 370 8.40 16.66 -11.17
C ASP A 370 9.51 17.10 -10.20
N TYR A 371 10.09 16.13 -9.51
CA TYR A 371 11.17 16.40 -8.55
C TYR A 371 12.55 16.42 -9.21
N SER A 372 12.60 16.30 -10.54
CA SER A 372 13.90 16.31 -11.22
C SER A 372 14.51 17.70 -11.28
N VAL A 373 15.84 17.76 -11.34
CA VAL A 373 16.55 19.04 -11.42
C VAL A 373 16.09 19.82 -12.64
N THR A 374 15.81 19.09 -13.72
CA THR A 374 15.34 19.71 -14.96
C THR A 374 13.95 19.16 -15.28
N PRO A 375 12.93 19.66 -14.57
CA PRO A 375 11.53 19.23 -14.75
C PRO A 375 10.90 19.67 -16.07
N GLU A 376 9.82 19.00 -16.45
CA GLU A 376 9.11 19.34 -17.68
C GLU A 376 8.59 20.76 -17.48
N GLU A 377 8.79 21.62 -18.47
CA GLU A 377 8.37 23.02 -18.39
C GLU A 377 6.93 23.29 -17.96
N GLY A 378 6.03 22.35 -18.20
CA GLY A 378 4.64 22.55 -17.82
C GLY A 378 4.20 21.85 -16.55
N ALA A 379 5.07 21.00 -16.00
CA ALA A 379 4.74 20.26 -14.79
C ALA A 379 4.87 21.06 -13.51
N LEU A 380 4.21 20.59 -12.45
CA LEU A 380 4.25 21.25 -11.15
C LEU A 380 5.55 20.85 -10.46
N VAL A 381 6.10 21.77 -9.67
CA VAL A 381 7.35 21.53 -8.96
C VAL A 381 7.17 21.63 -7.44
N PRO A 382 7.91 20.81 -6.67
CA PRO A 382 7.81 20.82 -5.20
C PRO A 382 8.11 22.16 -4.55
N GLU A 383 7.67 22.31 -3.31
CA GLU A 383 7.87 23.54 -2.55
C GLU A 383 9.18 23.54 -1.75
N LYS A 384 9.50 24.70 -1.21
CA LYS A 384 10.71 24.90 -0.42
C LYS A 384 10.91 23.81 0.64
N ASP A 385 10.11 23.88 1.69
CA ASP A 385 10.19 22.93 2.80
C ASP A 385 9.46 21.61 2.52
N ASP A 386 9.57 21.10 1.31
CA ASP A 386 8.91 19.84 0.95
C ASP A 386 9.20 18.77 1.99
N THR A 387 8.16 18.12 2.50
CA THR A 387 8.32 17.10 3.52
C THR A 387 9.06 15.87 3.01
N PHE A 388 8.69 15.40 1.82
CA PHE A 388 9.35 14.22 1.26
C PHE A 388 10.85 14.45 1.13
N LEU A 389 11.23 15.58 0.58
CA LEU A 389 12.64 15.89 0.40
C LEU A 389 13.42 15.84 1.71
N LYS A 390 12.87 16.42 2.77
CA LYS A 390 13.57 16.43 4.05
C LYS A 390 13.66 15.04 4.67
N LEU A 391 12.61 14.26 4.53
CA LEU A 391 12.60 12.92 5.11
C LEU A 391 13.50 11.98 4.31
N ALA A 392 13.49 12.13 3.00
CA ALA A 392 14.33 11.31 2.13
C ALA A 392 15.79 11.63 2.43
N SER A 393 16.09 12.90 2.62
CA SER A 393 17.46 13.31 2.90
C SER A 393 17.95 12.68 4.20
N ALA A 394 17.09 12.70 5.22
CA ALA A 394 17.43 12.13 6.52
C ALA A 394 17.68 10.61 6.43
N LEU A 395 16.93 9.94 5.57
CA LEU A 395 17.06 8.51 5.38
C LEU A 395 18.07 8.17 4.30
N ASN A 396 18.50 9.18 3.56
CA ASN A 396 19.43 9.02 2.45
C ASN A 396 18.75 8.12 1.43
N LEU A 397 17.47 8.41 1.22
CA LEU A 397 16.63 7.68 0.28
C LEU A 397 16.65 8.36 -1.09
N SER A 398 16.72 7.56 -2.15
CA SER A 398 16.71 8.12 -3.50
C SER A 398 15.36 8.77 -3.78
N THR A 399 15.37 9.94 -4.42
CA THR A 399 14.14 10.65 -4.74
C THR A 399 13.71 10.36 -6.18
N LYS A 400 14.38 9.40 -6.82
CA LYS A 400 14.06 9.03 -8.18
C LYS A 400 12.94 8.00 -8.18
N ASN A 401 12.45 7.66 -9.36
CA ASN A 401 11.38 6.66 -9.52
C ASN A 401 11.98 5.26 -9.51
N ALA A 402 12.74 4.95 -8.47
CA ALA A 402 13.38 3.65 -8.30
C ALA A 402 12.48 2.83 -7.37
N PRO A 403 12.76 1.52 -7.21
CA PRO A 403 11.91 0.73 -6.33
C PRO A 403 11.83 1.35 -4.93
N SER A 404 10.67 1.20 -4.30
CA SER A 404 10.48 1.74 -2.96
C SER A 404 11.61 1.31 -2.03
N GLY A 405 12.13 2.25 -1.27
CA GLY A 405 13.21 1.94 -0.35
C GLY A 405 14.62 2.01 -0.91
N THR A 406 14.75 2.36 -2.19
CA THR A 406 16.09 2.46 -2.80
C THR A 406 16.88 3.60 -2.14
N LEU A 407 18.09 3.30 -1.68
CA LEU A 407 18.93 4.30 -1.03
C LEU A 407 19.82 4.97 -2.06
N VAL A 408 20.25 6.20 -1.77
CA VAL A 408 21.12 6.93 -2.68
C VAL A 408 22.41 6.14 -2.87
N GLY A 409 22.79 5.93 -4.12
CA GLY A 409 24.00 5.18 -4.40
C GLY A 409 23.72 3.75 -4.81
N ASP A 410 22.53 3.24 -4.48
CA ASP A 410 22.17 1.88 -4.85
C ASP A 410 22.15 1.76 -6.37
N LYS A 411 22.29 0.53 -6.86
CA LYS A 411 22.28 0.28 -8.30
C LYS A 411 21.08 0.91 -9.00
N GLU A 412 19.89 0.72 -8.43
CA GLU A 412 18.67 1.26 -9.01
C GLU A 412 18.69 2.79 -9.07
N ASP A 413 19.39 3.42 -8.14
CA ASP A 413 19.48 4.87 -8.10
C ASP A 413 20.48 5.39 -9.13
N ARG A 414 21.45 4.55 -9.49
CA ARG A 414 22.46 4.94 -10.46
C ARG A 414 22.06 4.62 -11.89
N LYS A 415 20.77 4.32 -12.08
CA LYS A 415 20.26 4.00 -13.40
C LYS A 415 20.16 5.29 -14.23
N GLU A 416 20.56 5.21 -15.48
CA GLU A 416 20.55 6.37 -16.37
C GLU A 416 19.15 6.82 -16.76
N ASP A 417 19.00 8.11 -17.03
CA ASP A 417 17.74 8.73 -17.42
C ASP A 417 16.53 8.19 -16.67
N LEU A 418 16.57 8.27 -15.35
CA LEU A 418 15.47 7.82 -14.50
C LEU A 418 14.78 9.07 -13.99
N SER A 419 13.46 9.14 -14.19
CA SER A 419 12.68 10.30 -13.75
C SER A 419 12.49 10.36 -12.23
N SER A 420 11.94 11.48 -11.77
CA SER A 420 11.69 11.69 -10.35
C SER A 420 10.32 12.35 -10.18
N ILE A 421 9.30 11.73 -10.76
CA ILE A 421 7.95 12.26 -10.69
C ILE A 421 7.15 11.52 -9.60
N HIS A 422 6.55 12.28 -8.69
CA HIS A 422 5.78 11.69 -7.60
C HIS A 422 4.41 12.34 -7.48
N TRP A 423 3.40 11.52 -7.22
CA TRP A 423 2.04 12.01 -7.08
C TRP A 423 1.80 12.55 -5.69
N ARG A 424 1.10 13.69 -5.62
CA ARG A 424 0.82 14.34 -4.35
C ARG A 424 -0.66 14.77 -4.26
N PHE A 425 -1.24 14.54 -3.09
CA PHE A 425 -2.63 14.89 -2.85
C PHE A 425 -2.79 16.41 -2.78
N GLN A 426 -3.85 16.93 -3.40
CA GLN A 426 -4.14 18.37 -3.39
C GLN A 426 -5.46 18.53 -2.64
N ARG A 427 -5.37 18.74 -1.32
CA ARG A 427 -6.57 18.87 -0.50
C ARG A 427 -7.56 19.90 -1.01
N GLU A 428 -7.06 20.98 -1.59
CA GLU A 428 -7.93 22.03 -2.13
C GLU A 428 -8.87 21.48 -3.18
N LEU A 429 -8.38 20.53 -3.99
CA LEU A 429 -9.21 19.95 -5.03
C LEU A 429 -10.35 19.12 -4.45
N TRP A 430 -10.13 18.55 -3.27
CA TRP A 430 -11.19 17.79 -2.62
C TRP A 430 -12.17 18.76 -1.97
N ASP A 431 -11.63 19.83 -1.38
CA ASP A 431 -12.47 20.84 -0.74
C ASP A 431 -13.45 21.45 -1.72
N GLU A 432 -13.01 21.62 -2.96
CA GLU A 432 -13.87 22.21 -3.98
C GLU A 432 -14.57 21.18 -4.86
N GLU A 433 -14.54 19.92 -4.45
CA GLU A 433 -15.19 18.85 -5.20
C GLU A 433 -16.68 19.16 -5.30
N LYS A 434 -17.22 19.12 -6.52
CA LYS A 434 -18.63 19.45 -6.72
C LYS A 434 -19.57 18.29 -6.96
N GLU A 435 -19.03 17.11 -7.27
CA GLU A 435 -19.89 15.95 -7.55
C GLU A 435 -19.79 14.79 -6.58
N ILE A 436 -18.56 14.36 -6.28
CA ILE A 436 -18.35 13.24 -5.37
C ILE A 436 -18.63 13.56 -3.91
N VAL A 437 -19.29 12.62 -3.24
CA VAL A 437 -19.61 12.76 -1.82
C VAL A 437 -19.30 11.44 -1.11
N LEU A 438 -19.39 11.45 0.21
CA LEU A 438 -19.12 10.24 1.01
C LEU A 438 -20.44 9.75 1.61
C18 HC3 B . 0.83 -8.16 -6.98
C13 HC3 B . -0.69 -7.93 -6.90
C12 HC3 B . -1.07 -6.54 -7.41
C11 HC3 B . -0.48 -5.46 -6.50
C9 HC3 B . -0.90 -5.62 -5.04
C10 HC3 B . -0.31 -4.52 -4.12
C19 HC3 B . 1.20 -4.42 -4.31
C1 HC3 B . -0.98 -3.18 -4.41
C2 HC3 B . -0.65 -2.09 -3.38
C3 HC3 B . -1.12 -2.51 -1.99
O1 HC3 B . -0.85 -1.47 -1.05
C4 HC3 B . -0.40 -3.79 -1.58
C5 HC3 B . -0.58 -4.88 -2.64
C6 HC3 B . -0.99 -6.15 -2.26
C7 HC3 B . -1.22 -7.22 -3.11
C8 HC3 B . -0.62 -7.03 -4.51
C14 HC3 B . -1.22 -8.06 -5.47
C15 HC3 B . -0.95 -9.53 -5.14
C16 HC3 B . -1.41 -10.21 -6.44
C17 HC3 B . -1.49 -9.09 -7.49
C20 HC3 B . -1.12 -9.59 -8.89
C21 HC3 B . -1.37 -8.51 -9.95
C22 HC3 B . -1.93 -10.85 -9.21
C23 HC3 B . -1.60 -11.52 -10.54
C24 HC3 B . -2.26 -12.90 -10.59
C25 HC3 B . -2.20 -13.57 -11.96
C26 HC3 B . -0.75 -13.71 -12.44
C27 HC3 B . -2.82 -14.97 -11.86
O2 HC3 B . -2.95 -12.79 -12.88
#